data_2OOZ
#
_entry.id   2OOZ
#
_cell.length_a   67.795
_cell.length_b   67.773
_cell.length_c   87.863
_cell.angle_alpha   90.000
_cell.angle_beta   90.000
_cell.angle_gamma   90.000
#
_symmetry.space_group_name_H-M   'P 21 21 21'
#
loop_
_entity.id
_entity.type
_entity.pdbx_description
1 polymer 'Macrophage migration inhibitory factor'
2 non-polymer 'SULFATE ION'
3 non-polymer '4-HYDROXYBENZALDEHYDE O-(3,3-DIMETHYLBUTANOYL)OXIME'
4 non-polymer GLYCEROL
5 non-polymer 'ISOPROPYL ALCOHOL'
6 water water
#
_entity_poly.entity_id   1
_entity_poly.type   'polypeptide(L)'
_entity_poly.pdbx_seq_one_letter_code
;PMFIVNTNVPRASVPDGFLSELTQQLAQATGKPPQYIAVHVVPDQLMAFGGSSEPCALCSLHSIGKIGGAQNRSYSKLLC
GLLAERLRISPDRVYINYYDMNAANVGWNNSTFA
;
_entity_poly.pdbx_strand_id   A,B,C
#
loop_
_chem_comp.id
_chem_comp.type
_chem_comp.name
_chem_comp.formula
GOL non-polymer GLYCEROL 'C3 H8 O3'
IPA non-polymer 'ISOPROPYL ALCOHOL' 'C3 H8 O'
OX5 non-polymer '4-HYDROXYBENZALDEHYDE O-(3,3-DIMETHYLBUTANOYL)OXIME' 'C13 H17 N O3'
SO4 non-polymer 'SULFATE ION' 'O4 S -2'
#
# COMPACT_ATOMS: atom_id res chain seq x y z
N PRO A 1 9.64 -8.87 8.98
CA PRO A 1 8.87 -8.87 7.72
C PRO A 1 7.43 -8.45 7.98
N MET A 2 6.77 -7.89 6.97
CA MET A 2 5.38 -7.48 7.11
C MET A 2 4.59 -7.99 5.92
N PHE A 3 3.44 -8.59 6.23
CA PHE A 3 2.58 -9.15 5.20
C PHE A 3 1.20 -8.51 5.26
N ILE A 4 0.73 -8.03 4.10
CA ILE A 4 -0.56 -7.39 3.98
C ILE A 4 -1.41 -8.12 2.95
N VAL A 5 -2.68 -8.33 3.28
CA VAL A 5 -3.61 -9.00 2.38
C VAL A 5 -4.84 -8.14 2.20
N ASN A 6 -5.12 -7.75 0.96
CA ASN A 6 -6.32 -6.98 0.66
C ASN A 6 -7.18 -7.95 -0.16
N THR A 7 -8.43 -8.11 0.23
CA THR A 7 -9.30 -9.06 -0.48
C THR A 7 -10.76 -8.64 -0.43
N ASN A 8 -11.53 -9.08 -1.44
CA ASN A 8 -12.95 -8.77 -1.50
C ASN A 8 -13.75 -9.78 -0.67
N VAL A 9 -13.06 -10.76 -0.12
CA VAL A 9 -13.68 -11.77 0.72
C VAL A 9 -14.23 -11.08 1.97
N PRO A 10 -15.47 -11.43 2.38
CA PRO A 10 -16.12 -10.86 3.56
C PRO A 10 -15.36 -11.08 4.86
N ARG A 11 -15.49 -10.15 5.78
CA ARG A 11 -14.83 -10.23 7.08
C ARG A 11 -15.18 -11.51 7.82
N ALA A 12 -16.47 -11.83 7.86
CA ALA A 12 -16.95 -13.03 8.53
C ALA A 12 -16.32 -14.30 7.96
N SER A 13 -15.79 -14.21 6.74
CA SER A 13 -15.17 -15.37 6.12
C SER A 13 -13.71 -15.53 6.52
N VAL A 14 -13.20 -14.58 7.30
CA VAL A 14 -11.82 -14.66 7.78
C VAL A 14 -11.83 -15.41 9.11
N PRO A 15 -11.27 -16.63 9.13
CA PRO A 15 -11.24 -17.44 10.35
C PRO A 15 -10.49 -16.85 11.53
N ASP A 16 -11.04 -17.03 12.72
CA ASP A 16 -10.40 -16.53 13.94
C ASP A 16 -9.03 -17.18 13.99
N GLY A 17 -8.03 -16.42 14.43
CA GLY A 17 -6.69 -16.97 14.51
C GLY A 17 -5.95 -16.92 13.19
N PHE A 18 -6.57 -16.36 12.16
CA PHE A 18 -5.89 -16.27 10.85
C PHE A 18 -4.63 -15.43 10.98
N LEU A 19 -4.71 -14.30 11.69
CA LEU A 19 -3.56 -13.44 11.88
C LEU A 19 -2.46 -14.21 12.62
N SER A 20 -2.84 -14.98 13.63
CA SER A 20 -1.89 -15.77 14.41
C SER A 20 -1.21 -16.81 13.52
N GLU A 21 -1.99 -17.47 12.68
CA GLU A 21 -1.44 -18.48 11.79
C GLU A 21 -0.47 -17.86 10.79
N LEU A 22 -0.84 -16.70 10.23
CA LEU A 22 0.06 -16.03 9.29
C LEU A 22 1.37 -15.68 9.99
N THR A 23 1.28 -15.15 11.19
CA THR A 23 2.46 -14.78 11.96
C THR A 23 3.41 -15.96 12.17
N GLN A 24 2.86 -17.08 12.61
CA GLN A 24 3.67 -18.26 12.87
C GLN A 24 4.27 -18.82 11.59
N GLN A 25 3.47 -18.91 10.53
CA GLN A 25 3.93 -19.44 9.26
C GLN A 25 5.02 -18.59 8.62
N LEU A 26 4.90 -17.27 8.72
CA LEU A 26 5.89 -16.36 8.15
C LEU A 26 7.17 -16.39 8.97
N ALA A 27 7.03 -16.55 10.29
CA ALA A 27 8.19 -16.62 11.17
C ALA A 27 9.04 -17.81 10.73
N GLN A 28 8.38 -18.93 10.46
CA GLN A 28 9.07 -20.14 10.02
C GLN A 28 9.65 -20.00 8.63
N ALA A 29 8.86 -19.49 7.70
CA ALA A 29 9.30 -19.32 6.31
C ALA A 29 10.49 -18.38 6.15
N THR A 30 10.50 -17.29 6.90
CA THR A 30 11.58 -16.31 6.81
C THR A 30 12.73 -16.60 7.78
N GLY A 31 12.46 -17.43 8.79
CA GLY A 31 13.48 -17.74 9.77
C GLY A 31 13.67 -16.60 10.76
N LYS A 32 12.73 -15.66 10.78
CA LYS A 32 12.82 -14.51 11.68
C LYS A 32 11.96 -14.73 12.92
N PRO A 33 12.36 -14.16 14.07
CA PRO A 33 11.57 -14.31 15.29
C PRO A 33 10.16 -13.75 15.06
N PRO A 34 9.14 -14.43 15.59
CA PRO A 34 7.76 -13.95 15.42
C PRO A 34 7.51 -12.54 15.95
N GLN A 35 8.33 -12.12 16.91
CA GLN A 35 8.19 -10.79 17.49
C GLN A 35 8.34 -9.69 16.44
N TYR A 36 9.02 -10.00 15.34
CA TYR A 36 9.25 -9.02 14.27
C TYR A 36 8.25 -9.09 13.13
N ILE A 37 7.41 -10.11 13.13
CA ILE A 37 6.43 -10.29 12.07
C ILE A 37 5.18 -9.44 12.27
N ALA A 38 4.80 -8.70 11.24
CA ALA A 38 3.59 -7.89 11.30
C ALA A 38 2.65 -8.39 10.21
N VAL A 39 1.37 -8.55 10.54
CA VAL A 39 0.38 -9.05 9.59
C VAL A 39 -0.82 -8.12 9.56
N HIS A 40 -1.40 -7.95 8.38
CA HIS A 40 -2.51 -7.03 8.19
C HIS A 40 -3.45 -7.63 7.15
N VAL A 41 -4.72 -7.83 7.53
CA VAL A 41 -5.72 -8.40 6.65
C VAL A 41 -6.81 -7.35 6.45
N VAL A 42 -7.13 -7.07 5.18
CA VAL A 42 -8.16 -6.08 4.85
C VAL A 42 -9.23 -6.73 3.98
N PRO A 43 -10.35 -7.14 4.59
CA PRO A 43 -11.43 -7.77 3.84
C PRO A 43 -12.50 -6.79 3.34
N ASP A 44 -13.51 -7.34 2.68
CA ASP A 44 -14.63 -6.56 2.16
C ASP A 44 -14.24 -5.49 1.16
N GLN A 45 -13.13 -5.70 0.46
CA GLN A 45 -12.66 -4.70 -0.50
C GLN A 45 -13.32 -4.71 -1.87
N LEU A 46 -13.43 -3.52 -2.46
CA LEU A 46 -14.00 -3.38 -3.79
C LEU A 46 -12.84 -3.58 -4.76
N MET A 47 -12.74 -4.79 -5.32
CA MET A 47 -11.66 -5.08 -6.25
C MET A 47 -12.04 -6.11 -7.30
N ALA A 48 -11.22 -6.22 -8.33
CA ALA A 48 -11.47 -7.17 -9.41
C ALA A 48 -10.14 -7.70 -9.91
N PHE A 49 -10.16 -8.94 -10.40
CA PHE A 49 -8.97 -9.57 -10.94
C PHE A 49 -9.38 -10.08 -12.31
N GLY A 50 -8.70 -9.62 -13.36
CA GLY A 50 -9.02 -10.04 -14.71
C GLY A 50 -10.42 -9.61 -15.12
N GLY A 51 -10.94 -8.58 -14.44
CA GLY A 51 -12.27 -8.08 -14.75
C GLY A 51 -13.35 -8.74 -13.93
N SER A 52 -13.00 -9.84 -13.27
CA SER A 52 -13.94 -10.58 -12.44
C SER A 52 -13.95 -10.19 -10.97
N SER A 53 -15.13 -10.21 -10.38
CA SER A 53 -15.31 -9.88 -8.97
C SER A 53 -15.36 -11.14 -8.10
N GLU A 54 -14.91 -12.26 -8.67
CA GLU A 54 -14.85 -13.52 -7.94
C GLU A 54 -13.79 -13.29 -6.85
N PRO A 55 -13.79 -14.13 -5.80
CA PRO A 55 -12.81 -13.95 -4.73
C PRO A 55 -11.38 -13.80 -5.23
N CYS A 56 -10.68 -12.80 -4.70
CA CYS A 56 -9.31 -12.56 -5.12
C CYS A 56 -8.54 -11.87 -4.01
N ALA A 57 -7.25 -11.67 -4.23
CA ALA A 57 -6.42 -11.01 -3.24
C ALA A 57 -5.20 -10.33 -3.82
N LEU A 58 -4.89 -9.16 -3.26
CA LEU A 58 -3.71 -8.40 -3.67
C LEU A 58 -2.90 -8.29 -2.38
N CYS A 59 -1.71 -8.86 -2.39
CA CYS A 59 -0.86 -8.89 -1.19
C CYS A 59 0.52 -8.30 -1.41
N SER A 60 1.26 -8.16 -0.32
CA SER A 60 2.61 -7.68 -0.37
C SER A 60 3.35 -8.26 0.83
N LEU A 61 4.61 -8.59 0.62
CA LEU A 61 5.46 -9.09 1.70
C LEU A 61 6.71 -8.24 1.62
N HIS A 62 6.98 -7.48 2.67
CA HIS A 62 8.17 -6.66 2.73
C HIS A 62 9.11 -7.34 3.74
N SER A 63 10.39 -7.38 3.42
CA SER A 63 11.37 -7.98 4.32
C SER A 63 12.74 -7.37 4.06
N ILE A 64 13.57 -7.31 5.11
CA ILE A 64 14.93 -6.80 4.93
C ILE A 64 15.70 -8.11 4.68
N GLY A 65 16.00 -8.39 3.43
CA GLY A 65 16.67 -9.63 3.09
C GLY A 65 15.63 -10.75 3.04
N LYS A 66 16.07 -11.97 2.79
CA LYS A 66 15.17 -13.13 2.68
C LYS A 66 14.17 -12.99 1.54
N ILE A 67 14.59 -12.26 0.51
CA ILE A 67 13.77 -12.06 -0.67
C ILE A 67 14.64 -12.44 -1.87
N GLY A 68 14.13 -13.32 -2.73
CA GLY A 68 14.88 -13.75 -3.89
C GLY A 68 14.07 -14.69 -4.75
N GLY A 69 14.62 -15.05 -5.91
CA GLY A 69 13.93 -15.93 -6.83
C GLY A 69 13.31 -17.18 -6.22
N ALA A 70 14.15 -18.05 -5.67
CA ALA A 70 13.70 -19.29 -5.06
C ALA A 70 12.83 -19.06 -3.83
N GLN A 71 13.25 -18.16 -2.96
CA GLN A 71 12.50 -17.88 -1.74
C GLN A 71 11.10 -17.35 -2.06
N ASN A 72 11.00 -16.45 -3.04
CA ASN A 72 9.70 -15.89 -3.41
C ASN A 72 8.79 -16.96 -4.00
N ARG A 73 9.37 -17.90 -4.73
CA ARG A 73 8.56 -18.98 -5.28
C ARG A 73 8.03 -19.77 -4.10
N SER A 74 8.87 -19.97 -3.09
CA SER A 74 8.48 -20.72 -1.90
C SER A 74 7.41 -19.97 -1.08
N TYR A 75 7.61 -18.66 -0.90
CA TYR A 75 6.62 -17.86 -0.16
C TYR A 75 5.26 -17.90 -0.84
N SER A 76 5.27 -17.85 -2.17
CA SER A 76 4.03 -17.85 -2.92
C SER A 76 3.27 -19.16 -2.76
N LYS A 77 3.99 -20.27 -2.80
CA LYS A 77 3.35 -21.56 -2.60
C LYS A 77 2.68 -21.56 -1.24
N LEU A 78 3.42 -21.12 -0.22
CA LEU A 78 2.92 -21.07 1.16
C LEU A 78 1.70 -20.16 1.35
N LEU A 79 1.85 -18.91 0.92
CA LEU A 79 0.79 -17.94 1.07
C LEU A 79 -0.44 -18.25 0.22
N CYS A 80 -0.23 -18.65 -1.02
CA CYS A 80 -1.37 -18.99 -1.88
C CYS A 80 -2.12 -20.16 -1.25
N GLY A 81 -1.38 -21.09 -0.66
CA GLY A 81 -1.99 -22.24 -0.01
C GLY A 81 -2.82 -21.83 1.20
N LEU A 82 -2.32 -20.86 1.95
CA LEU A 82 -3.05 -20.38 3.11
C LEU A 82 -4.32 -19.64 2.69
N LEU A 83 -4.19 -18.78 1.68
CA LEU A 83 -5.34 -18.03 1.18
C LEU A 83 -6.39 -18.97 0.58
N ALA A 84 -5.92 -20.00 -0.12
CA ALA A 84 -6.85 -20.95 -0.74
C ALA A 84 -7.59 -21.76 0.32
N GLU A 85 -6.87 -22.19 1.35
CA GLU A 85 -7.45 -22.99 2.42
C GLU A 85 -8.31 -22.23 3.44
N ARG A 86 -7.85 -21.08 3.89
CA ARG A 86 -8.58 -20.32 4.89
C ARG A 86 -9.60 -19.33 4.34
N LEU A 87 -9.31 -18.75 3.18
CA LEU A 87 -10.23 -17.77 2.60
C LEU A 87 -10.95 -18.23 1.34
N ARG A 88 -10.60 -19.40 0.84
CA ARG A 88 -11.20 -19.97 -0.36
C ARG A 88 -10.90 -19.16 -1.61
N ILE A 89 -9.70 -18.59 -1.69
CA ILE A 89 -9.31 -17.81 -2.85
C ILE A 89 -8.44 -18.67 -3.75
N SER A 90 -8.76 -18.70 -5.04
CA SER A 90 -8.01 -19.48 -6.00
C SER A 90 -6.62 -18.85 -6.16
N PRO A 91 -5.56 -19.67 -6.09
CA PRO A 91 -4.19 -19.17 -6.24
C PRO A 91 -3.99 -18.32 -7.48
N ASP A 92 -4.69 -18.63 -8.57
CA ASP A 92 -4.55 -17.88 -9.80
C ASP A 92 -5.28 -16.53 -9.79
N ARG A 93 -5.86 -16.17 -8.64
CA ARG A 93 -6.54 -14.89 -8.47
C ARG A 93 -5.88 -14.18 -7.28
N VAL A 94 -4.58 -14.40 -7.15
CA VAL A 94 -3.79 -13.81 -6.09
C VAL A 94 -2.50 -13.23 -6.64
N TYR A 95 -2.19 -12.01 -6.25
CA TYR A 95 -0.95 -11.35 -6.63
C TYR A 95 -0.24 -11.03 -5.32
N ILE A 96 1.07 -11.29 -5.25
CA ILE A 96 1.85 -11.00 -4.05
C ILE A 96 3.10 -10.25 -4.47
N ASN A 97 3.20 -8.99 -4.06
CA ASN A 97 4.36 -8.19 -4.40
C ASN A 97 5.41 -8.36 -3.32
N TYR A 98 6.62 -8.72 -3.73
CA TYR A 98 7.72 -8.91 -2.79
C TYR A 98 8.65 -7.72 -2.83
N TYR A 99 9.02 -7.23 -1.65
CA TYR A 99 9.94 -6.10 -1.57
C TYR A 99 11.10 -6.38 -0.64
N ASP A 100 12.30 -6.31 -1.19
CA ASP A 100 13.52 -6.51 -0.41
C ASP A 100 13.89 -5.10 0.04
N MET A 101 13.62 -4.78 1.30
CA MET A 101 13.91 -3.45 1.84
C MET A 101 15.31 -3.30 2.44
N ASN A 102 15.90 -2.11 2.29
N ASN A 102 15.88 -2.11 2.29
CA ASN A 102 17.21 -1.86 2.87
CA ASN A 102 17.20 -1.82 2.85
C ASN A 102 16.90 -1.46 4.30
C ASN A 102 16.91 -1.43 4.30
N ALA A 103 17.74 -1.90 5.23
CA ALA A 103 17.54 -1.60 6.64
C ALA A 103 17.40 -0.11 6.94
N ALA A 104 18.11 0.73 6.19
CA ALA A 104 18.05 2.17 6.39
C ALA A 104 16.71 2.77 5.97
N ASN A 105 15.96 2.02 5.19
CA ASN A 105 14.65 2.48 4.71
C ASN A 105 13.47 1.86 5.47
N VAL A 106 13.75 1.33 6.65
CA VAL A 106 12.69 0.77 7.47
C VAL A 106 12.76 1.42 8.85
N GLY A 107 11.76 2.23 9.16
CA GLY A 107 11.72 2.88 10.45
C GLY A 107 11.04 2.01 11.49
N TRP A 108 11.51 2.12 12.74
CA TRP A 108 10.96 1.35 13.85
C TRP A 108 11.55 1.91 15.16
N ASN A 109 10.72 1.98 16.19
CA ASN A 109 11.18 2.45 17.49
C ASN A 109 11.99 3.76 17.46
N ASN A 110 11.44 4.81 16.84
CA ASN A 110 12.09 6.12 16.77
C ASN A 110 13.36 6.23 15.94
N SER A 111 13.72 5.17 15.22
CA SER A 111 14.93 5.17 14.38
C SER A 111 14.68 4.25 13.19
N THR A 112 15.76 3.68 12.66
CA THR A 112 15.63 2.73 11.56
C THR A 112 16.42 1.48 11.95
N PHE A 113 16.35 0.46 11.11
CA PHE A 113 17.07 -0.77 11.37
C PHE A 113 18.53 -0.72 10.92
N ALA A 114 18.95 0.40 10.36
CA ALA A 114 20.33 0.53 9.88
C ALA A 114 21.31 0.38 11.04
N PRO B 1 5.55 14.68 -1.01
CA PRO B 1 5.71 13.54 -0.07
C PRO B 1 4.34 13.05 0.37
N MET B 2 4.19 11.75 0.53
CA MET B 2 2.93 11.20 0.97
C MET B 2 3.16 10.22 2.09
N PHE B 3 2.36 10.36 3.15
CA PHE B 3 2.48 9.51 4.31
C PHE B 3 1.18 8.80 4.57
N ILE B 4 1.27 7.48 4.78
CA ILE B 4 0.13 6.64 5.05
C ILE B 4 0.34 5.86 6.34
N VAL B 5 -0.68 5.83 7.19
CA VAL B 5 -0.60 5.07 8.44
C VAL B 5 -1.81 4.15 8.55
N ASN B 6 -1.55 2.85 8.69
CA ASN B 6 -2.58 1.84 8.85
C ASN B 6 -2.44 1.40 10.30
N THR B 7 -3.55 1.40 11.04
CA THR B 7 -3.50 1.05 12.46
C THR B 7 -4.75 0.37 12.98
N ASN B 8 -4.60 -0.45 14.01
CA ASN B 8 -5.76 -1.13 14.60
C ASN B 8 -6.45 -0.24 15.63
N VAL B 9 -5.86 0.93 15.88
CA VAL B 9 -6.46 1.87 16.83
C VAL B 9 -7.80 2.30 16.22
N PRO B 10 -8.85 2.45 17.05
CA PRO B 10 -10.16 2.85 16.54
C PRO B 10 -10.26 4.29 16.07
N ARG B 11 -11.15 4.53 15.11
CA ARG B 11 -11.35 5.86 14.55
C ARG B 11 -11.59 6.93 15.61
N ALA B 12 -12.36 6.57 16.63
CA ALA B 12 -12.68 7.50 17.71
C ALA B 12 -11.44 7.91 18.48
N SER B 13 -10.36 7.12 18.36
CA SER B 13 -9.13 7.42 19.07
C SER B 13 -8.20 8.33 18.30
N VAL B 14 -8.54 8.61 17.04
CA VAL B 14 -7.75 9.51 16.21
C VAL B 14 -8.26 10.92 16.54
N PRO B 15 -7.44 11.74 17.19
CA PRO B 15 -7.82 13.10 17.57
C PRO B 15 -8.05 14.09 16.43
N ASP B 16 -8.99 15.00 16.64
CA ASP B 16 -9.29 16.03 15.66
C ASP B 16 -7.99 16.76 15.37
N GLY B 17 -7.78 17.10 14.09
CA GLY B 17 -6.59 17.82 13.69
C GLY B 17 -5.36 16.96 13.44
N PHE B 18 -5.51 15.65 13.53
CA PHE B 18 -4.38 14.76 13.34
C PHE B 18 -3.80 14.84 11.92
N LEU B 19 -4.65 14.83 10.91
CA LEU B 19 -4.16 14.92 9.54
C LEU B 19 -3.44 16.26 9.32
N SER B 20 -3.97 17.33 9.91
CA SER B 20 -3.36 18.64 9.77
C SER B 20 -1.99 18.69 10.43
N GLU B 21 -1.86 18.06 11.59
CA GLU B 21 -0.58 18.04 12.31
C GLU B 21 0.45 17.25 11.53
N LEU B 22 0.04 16.11 10.99
CA LEU B 22 0.96 15.30 10.18
C LEU B 22 1.42 16.12 8.98
N THR B 23 0.49 16.81 8.34
CA THR B 23 0.80 17.62 7.16
C THR B 23 1.85 18.67 7.47
N GLN B 24 1.63 19.41 8.55
CA GLN B 24 2.56 20.46 8.95
C GLN B 24 3.93 19.96 9.36
N GLN B 25 3.95 18.93 10.18
CA GLN B 25 5.20 18.38 10.65
C GLN B 25 6.01 17.76 9.51
N LEU B 26 5.34 17.08 8.58
CA LEU B 26 6.05 16.48 7.45
C LEU B 26 6.58 17.57 6.52
N ALA B 27 5.85 18.68 6.40
CA ALA B 27 6.31 19.78 5.57
C ALA B 27 7.59 20.32 6.20
N GLN B 28 7.56 20.49 7.52
CA GLN B 28 8.72 20.98 8.26
C GLN B 28 9.90 20.01 8.17
N ALA B 29 9.61 18.72 8.35
CA ALA B 29 10.64 17.68 8.30
C ALA B 29 11.30 17.49 6.93
N THR B 30 10.50 17.47 5.88
CA THR B 30 11.02 17.26 4.53
C THR B 30 11.49 18.53 3.83
N GLY B 31 11.07 19.68 4.36
CA GLY B 31 11.45 20.94 3.77
C GLY B 31 10.63 21.28 2.52
N LYS B 32 9.63 20.46 2.23
CA LYS B 32 8.76 20.69 1.06
C LYS B 32 7.52 21.48 1.51
N PRO B 33 6.95 22.29 0.59
CA PRO B 33 5.76 23.07 0.94
C PRO B 33 4.59 22.17 1.37
N PRO B 34 3.77 22.64 2.31
CA PRO B 34 2.64 21.82 2.76
C PRO B 34 1.64 21.52 1.64
N GLN B 35 1.61 22.36 0.62
CA GLN B 35 0.71 22.15 -0.50
C GLN B 35 0.96 20.80 -1.21
N TYR B 36 2.20 20.32 -1.15
CA TYR B 36 2.57 19.05 -1.80
C TYR B 36 2.43 17.82 -0.92
N ILE B 37 2.18 18.02 0.38
CA ILE B 37 2.09 16.89 1.30
C ILE B 37 0.73 16.20 1.31
N ALA B 38 0.72 14.88 1.17
CA ALA B 38 -0.52 14.12 1.21
C ALA B 38 -0.41 13.20 2.42
N VAL B 39 -1.50 13.07 3.17
CA VAL B 39 -1.53 12.21 4.36
C VAL B 39 -2.79 11.35 4.33
N HIS B 40 -2.66 10.13 4.84
CA HIS B 40 -3.76 9.17 4.80
C HIS B 40 -3.68 8.32 6.08
N VAL B 41 -4.77 8.29 6.85
CA VAL B 41 -4.84 7.53 8.08
C VAL B 41 -5.94 6.49 7.96
N VAL B 42 -5.61 5.23 8.25
CA VAL B 42 -6.58 4.14 8.14
C VAL B 42 -6.71 3.41 9.47
N PRO B 43 -7.71 3.79 10.28
CA PRO B 43 -7.92 3.13 11.58
C PRO B 43 -8.77 1.87 11.53
N ASP B 44 -9.02 1.29 12.70
CA ASP B 44 -9.83 0.08 12.83
C ASP B 44 -9.36 -1.11 12.00
N GLN B 45 -8.07 -1.21 11.73
CA GLN B 45 -7.59 -2.31 10.91
C GLN B 45 -7.40 -3.62 11.66
N LEU B 46 -7.51 -4.71 10.91
CA LEU B 46 -7.32 -6.05 11.46
C LEU B 46 -5.83 -6.36 11.29
N MET B 47 -5.04 -6.12 12.34
CA MET B 47 -3.61 -6.38 12.23
C MET B 47 -2.98 -6.83 13.53
N ALA B 48 -1.79 -7.41 13.41
CA ALA B 48 -1.03 -7.88 14.57
C ALA B 48 0.42 -7.53 14.33
N PHE B 49 1.16 -7.33 15.43
CA PHE B 49 2.57 -6.99 15.35
C PHE B 49 3.26 -7.88 16.37
N GLY B 50 4.18 -8.72 15.91
CA GLY B 50 4.86 -9.60 16.83
C GLY B 50 3.92 -10.61 17.45
N GLY B 51 2.81 -10.87 16.77
CA GLY B 51 1.84 -11.82 17.28
C GLY B 51 0.88 -11.26 18.32
N SER B 52 0.89 -9.94 18.49
CA SER B 52 0.02 -9.29 19.45
C SER B 52 -0.92 -8.28 18.79
N SER B 53 -2.11 -8.13 19.35
CA SER B 53 -3.09 -7.19 18.80
C SER B 53 -3.17 -5.87 19.54
N GLU B 54 -2.15 -5.57 20.35
CA GLU B 54 -2.12 -4.30 21.05
C GLU B 54 -1.95 -3.23 19.97
N PRO B 55 -2.13 -1.95 20.33
CA PRO B 55 -1.98 -0.88 19.34
C PRO B 55 -0.69 -0.97 18.55
N CYS B 56 -0.80 -0.85 17.22
CA CYS B 56 0.37 -0.90 16.36
C CYS B 56 0.09 -0.11 15.09
N ALA B 57 1.12 0.08 14.28
CA ALA B 57 0.95 0.83 13.04
C ALA B 57 1.92 0.39 11.95
N LEU B 58 1.42 0.31 10.72
CA LEU B 58 2.25 -0.04 9.57
C LEU B 58 2.11 1.21 8.68
N CYS B 59 3.23 1.87 8.42
CA CYS B 59 3.24 3.10 7.66
C CYS B 59 4.18 3.12 6.49
N SER B 60 4.01 4.14 5.64
CA SER B 60 4.89 4.35 4.51
C SER B 60 5.04 5.85 4.26
N LEU B 61 6.25 6.25 3.88
CA LEU B 61 6.53 7.65 3.53
C LEU B 61 7.21 7.57 2.17
N HIS B 62 6.56 8.14 1.16
CA HIS B 62 7.12 8.19 -0.19
C HIS B 62 7.52 9.64 -0.44
N SER B 63 8.68 9.85 -1.03
CA SER B 63 9.14 11.20 -1.31
C SER B 63 10.08 11.17 -2.51
N ILE B 64 10.10 12.26 -3.27
CA ILE B 64 11.02 12.35 -4.39
C ILE B 64 12.24 13.01 -3.75
N GLY B 65 13.20 12.18 -3.34
CA GLY B 65 14.38 12.70 -2.67
C GLY B 65 14.06 12.93 -1.20
N LYS B 66 15.02 13.47 -0.46
CA LYS B 66 14.86 13.74 0.96
C LYS B 66 14.71 12.42 1.74
N ILE B 67 15.23 11.35 1.18
CA ILE B 67 15.18 10.03 1.80
C ILE B 67 16.63 9.54 1.96
N GLY B 68 16.99 9.14 3.17
CA GLY B 68 18.35 8.67 3.40
C GLY B 68 18.56 8.19 4.83
N GLY B 69 19.74 7.63 5.08
CA GLY B 69 20.04 7.13 6.41
C GLY B 69 19.67 8.04 7.56
N ALA B 70 20.32 9.20 7.64
CA ALA B 70 20.07 10.16 8.72
C ALA B 70 18.67 10.78 8.65
N GLN B 71 18.23 11.15 7.45
CA GLN B 71 16.91 11.74 7.30
C GLN B 71 15.81 10.78 7.75
N ASN B 72 15.97 9.50 7.39
CA ASN B 72 14.97 8.50 7.76
C ASN B 72 14.92 8.29 9.26
N ARG B 73 16.08 8.35 9.92
CA ARG B 73 16.10 8.21 11.37
C ARG B 73 15.35 9.41 11.97
N SER B 74 15.54 10.60 11.39
CA SER B 74 14.87 11.78 11.90
C SER B 74 13.34 11.67 11.68
N TYR B 75 12.93 11.19 10.51
CA TYR B 75 11.51 11.01 10.23
C TYR B 75 10.88 10.01 11.19
N SER B 76 11.63 8.96 11.52
CA SER B 76 11.11 7.92 12.40
C SER B 76 10.90 8.42 13.83
N LYS B 77 11.80 9.25 14.30
CA LYS B 77 11.68 9.81 15.65
C LYS B 77 10.45 10.72 15.67
N LEU B 78 10.31 11.54 14.64
CA LEU B 78 9.18 12.45 14.52
C LEU B 78 7.83 11.74 14.44
N LEU B 79 7.72 10.80 13.50
CA LEU B 79 6.47 10.08 13.28
C LEU B 79 6.11 9.14 14.43
N CYS B 80 7.08 8.42 14.98
CA CYS B 80 6.79 7.56 16.12
C CYS B 80 6.36 8.45 17.30
N GLY B 81 7.01 9.60 17.41
CA GLY B 81 6.66 10.55 18.46
C GLY B 81 5.19 10.95 18.36
N LEU B 82 4.75 11.25 17.15
CA LEU B 82 3.35 11.64 16.93
C LEU B 82 2.38 10.48 17.16
N LEU B 83 2.75 9.30 16.68
CA LEU B 83 1.89 8.14 16.83
C LEU B 83 1.72 7.76 18.31
N ALA B 84 2.79 7.91 19.08
CA ALA B 84 2.73 7.59 20.50
C ALA B 84 1.89 8.61 21.24
N GLU B 85 2.16 9.88 21.01
CA GLU B 85 1.43 10.95 21.69
C GLU B 85 -0.04 11.07 21.30
N ARG B 86 -0.33 11.00 20.00
CA ARG B 86 -1.70 11.14 19.54
C ARG B 86 -2.54 9.88 19.51
N LEU B 87 -1.94 8.74 19.16
CA LEU B 87 -2.69 7.48 19.06
C LEU B 87 -2.33 6.46 20.16
N ARG B 88 -1.41 6.83 21.02
CA ARG B 88 -0.97 5.96 22.12
C ARG B 88 -0.37 4.65 21.61
N ILE B 89 0.39 4.74 20.52
CA ILE B 89 1.03 3.56 19.93
C ILE B 89 2.50 3.57 20.32
N SER B 90 2.96 2.46 20.89
CA SER B 90 4.34 2.33 21.32
C SER B 90 5.24 2.34 20.10
N PRO B 91 6.32 3.14 20.12
CA PRO B 91 7.25 3.21 18.98
C PRO B 91 7.78 1.85 18.51
N ASP B 92 7.91 0.89 19.43
CA ASP B 92 8.43 -0.41 19.02
C ASP B 92 7.38 -1.32 18.38
N ARG B 93 6.18 -0.79 18.19
CA ARG B 93 5.12 -1.52 17.52
C ARG B 93 4.73 -0.73 16.26
N VAL B 94 5.72 -0.06 15.69
CA VAL B 94 5.51 0.73 14.48
C VAL B 94 6.59 0.43 13.43
N TYR B 95 6.15 0.21 12.18
CA TYR B 95 7.08 0.02 11.07
C TYR B 95 6.76 1.13 10.07
N ILE B 96 7.79 1.76 9.51
CA ILE B 96 7.58 2.81 8.52
C ILE B 96 8.49 2.48 7.35
N ASN B 97 7.89 2.17 6.21
CA ASN B 97 8.68 1.89 5.00
C ASN B 97 8.91 3.21 4.28
N TYR B 98 10.17 3.50 3.98
CA TYR B 98 10.57 4.72 3.29
C TYR B 98 10.89 4.40 1.84
N TYR B 99 10.40 5.24 0.94
CA TYR B 99 10.61 5.05 -0.49
C TYR B 99 11.08 6.33 -1.15
N ASP B 100 12.25 6.27 -1.76
CA ASP B 100 12.81 7.39 -2.48
C ASP B 100 12.33 7.16 -3.92
N MET B 101 11.35 7.94 -4.35
CA MET B 101 10.78 7.78 -5.69
C MET B 101 11.45 8.66 -6.74
N ASN B 102 11.51 8.17 -7.98
N ASN B 102 11.50 8.16 -7.98
CA ASN B 102 12.10 8.95 -9.08
CA ASN B 102 12.08 8.92 -9.10
C ASN B 102 10.93 9.81 -9.55
C ASN B 102 10.92 9.82 -9.53
N ALA B 103 11.22 11.05 -9.93
CA ALA B 103 10.18 11.98 -10.36
C ALA B 103 9.36 11.42 -11.53
N ALA B 104 10.00 10.64 -12.39
CA ALA B 104 9.32 10.08 -13.55
C ALA B 104 8.34 8.99 -13.15
N ASN B 105 8.48 8.49 -11.93
CA ASN B 105 7.61 7.43 -11.44
C ASN B 105 6.52 7.92 -10.49
N VAL B 106 6.26 9.22 -10.51
CA VAL B 106 5.20 9.80 -9.69
C VAL B 106 4.27 10.62 -10.57
N GLY B 107 3.04 10.14 -10.70
CA GLY B 107 2.05 10.83 -11.51
C GLY B 107 1.30 11.88 -10.72
N TRP B 108 0.97 12.97 -11.40
CA TRP B 108 0.24 14.07 -10.80
C TRP B 108 -0.23 15.03 -11.88
N ASN B 109 -1.45 15.54 -11.74
CA ASN B 109 -1.97 16.51 -12.68
C ASN B 109 -1.83 16.11 -14.15
N ASN B 110 -2.29 14.91 -14.50
CA ASN B 110 -2.25 14.41 -15.88
C ASN B 110 -0.87 14.12 -16.47
N SER B 111 0.18 14.20 -15.66
CA SER B 111 1.52 13.92 -16.14
C SER B 111 2.33 13.37 -14.98
N THR B 112 3.65 13.53 -15.03
CA THR B 112 4.49 13.07 -13.93
C THR B 112 5.31 14.27 -13.50
N PHE B 113 6.14 14.08 -12.47
CA PHE B 113 6.98 15.16 -11.98
C PHE B 113 8.30 15.25 -12.74
N ALA B 114 8.51 14.39 -13.73
CA ALA B 114 9.75 14.42 -14.49
C ALA B 114 9.94 15.75 -15.21
N PRO C 1 -0.65 -6.34 -14.45
CA PRO C 1 -0.61 -4.99 -13.84
C PRO C 1 -1.70 -4.85 -12.77
N MET C 2 -1.39 -4.10 -11.72
CA MET C 2 -2.35 -3.88 -10.65
CA MET C 2 -2.30 -3.89 -10.61
C MET C 2 -2.44 -2.41 -10.28
N PHE C 3 -3.67 -1.91 -10.26
CA PHE C 3 -3.93 -0.50 -9.94
C PHE C 3 -4.79 -0.35 -8.70
N ILE C 4 -4.35 0.50 -7.78
CA ILE C 4 -5.06 0.74 -6.52
C ILE C 4 -5.35 2.22 -6.38
N VAL C 5 -6.59 2.54 -5.99
CA VAL C 5 -7.00 3.92 -5.77
C VAL C 5 -7.58 4.09 -4.39
N ASN C 6 -6.98 4.95 -3.58
CA ASN C 6 -7.49 5.26 -2.26
C ASN C 6 -8.00 6.70 -2.38
N THR C 7 -9.23 6.93 -1.94
CA THR C 7 -9.81 8.27 -2.05
C THR C 7 -10.78 8.60 -0.92
N ASN C 8 -10.92 9.89 -0.64
CA ASN C 8 -11.84 10.33 0.39
C ASN C 8 -13.26 10.52 -0.18
N VAL C 9 -13.41 10.25 -1.47
CA VAL C 9 -14.71 10.34 -2.12
C VAL C 9 -15.57 9.21 -1.58
N PRO C 10 -16.84 9.48 -1.27
CA PRO C 10 -17.73 8.43 -0.74
C PRO C 10 -18.09 7.30 -1.69
N ARG C 11 -18.35 6.14 -1.11
CA ARG C 11 -18.71 4.94 -1.84
C ARG C 11 -19.82 5.21 -2.86
N ALA C 12 -20.85 5.94 -2.43
CA ALA C 12 -21.98 6.24 -3.30
C ALA C 12 -21.59 7.07 -4.52
N SER C 13 -20.42 7.71 -4.48
CA SER C 13 -19.96 8.52 -5.60
C SER C 13 -19.15 7.74 -6.62
N VAL C 14 -18.89 6.47 -6.32
CA VAL C 14 -18.17 5.62 -7.26
C VAL C 14 -19.24 5.01 -8.15
N PRO C 15 -19.24 5.38 -9.44
CA PRO C 15 -20.22 4.88 -10.40
C PRO C 15 -20.13 3.41 -10.74
N ASP C 16 -21.28 2.79 -10.98
CA ASP C 16 -21.33 1.39 -11.36
C ASP C 16 -20.48 1.19 -12.60
N GLY C 17 -19.74 0.09 -12.64
CA GLY C 17 -18.90 -0.20 -13.77
C GLY C 17 -17.51 0.43 -13.74
N PHE C 18 -17.22 1.17 -12.67
CA PHE C 18 -15.93 1.84 -12.54
C PHE C 18 -14.75 0.87 -12.56
N LEU C 19 -14.83 -0.21 -11.79
CA LEU C 19 -13.74 -1.18 -11.77
C LEU C 19 -13.60 -1.81 -13.14
N SER C 20 -14.74 -1.99 -13.81
CA SER C 20 -14.75 -2.57 -15.14
C SER C 20 -14.06 -1.64 -16.14
N GLU C 21 -14.36 -0.35 -16.06
CA GLU C 21 -13.75 0.62 -16.96
C GLU C 21 -12.24 0.72 -16.73
N LEU C 22 -11.82 0.72 -15.47
CA LEU C 22 -10.41 0.79 -15.14
C LEU C 22 -9.65 -0.39 -15.75
N THR C 23 -10.22 -1.58 -15.66
CA THR C 23 -9.59 -2.78 -16.20
C THR C 23 -9.33 -2.68 -17.71
N GLN C 24 -10.35 -2.26 -18.46
CA GLN C 24 -10.22 -2.13 -19.92
C GLN C 24 -9.20 -1.11 -20.35
N GLN C 25 -9.32 0.09 -19.78
CA GLN C 25 -8.43 1.18 -20.11
C GLN C 25 -6.99 0.81 -19.79
N LEU C 26 -6.78 0.15 -18.66
CA LEU C 26 -5.44 -0.27 -18.26
C LEU C 26 -4.94 -1.37 -19.19
N ALA C 27 -5.85 -2.25 -19.62
CA ALA C 27 -5.47 -3.31 -20.54
C ALA C 27 -4.94 -2.66 -21.81
N GLN C 28 -5.72 -1.71 -22.33
CA GLN C 28 -5.37 -0.97 -23.53
C GLN C 28 -4.06 -0.20 -23.38
N ALA C 29 -3.99 0.59 -22.31
CA ALA C 29 -2.81 1.41 -22.03
C ALA C 29 -1.57 0.60 -21.82
N THR C 30 -1.70 -0.59 -21.20
CA THR C 30 -0.44 -1.34 -20.86
C THR C 30 0.03 -2.30 -21.88
N GLY C 31 -0.94 -2.68 -22.67
CA GLY C 31 -0.74 -3.64 -23.72
C GLY C 31 -0.69 -5.02 -23.13
N LYS C 32 -1.16 -5.15 -21.89
CA LYS C 32 -1.19 -6.42 -21.18
C LYS C 32 -2.58 -7.06 -21.26
N PRO C 33 -2.63 -8.40 -21.33
CA PRO C 33 -3.90 -9.12 -21.42
C PRO C 33 -4.84 -8.70 -20.29
N PRO C 34 -6.10 -8.38 -20.61
CA PRO C 34 -7.13 -7.97 -19.64
C PRO C 34 -7.31 -8.93 -18.47
N GLN C 35 -7.12 -10.22 -18.73
CA GLN C 35 -7.29 -11.25 -17.72
C GLN C 35 -6.31 -11.13 -16.55
N TYR C 36 -5.19 -10.44 -16.79
CA TYR C 36 -4.17 -10.27 -15.77
C TYR C 36 -4.26 -8.95 -15.01
N ILE C 37 -5.19 -8.09 -15.40
CA ILE C 37 -5.34 -6.79 -14.75
C ILE C 37 -6.11 -6.85 -13.43
N ALA C 38 -5.51 -6.29 -12.38
CA ALA C 38 -6.15 -6.25 -11.08
C ALA C 38 -6.41 -4.78 -10.73
N VAL C 39 -7.60 -4.50 -10.21
CA VAL C 39 -7.99 -3.14 -9.83
C VAL C 39 -8.61 -3.16 -8.43
N HIS C 40 -8.34 -2.12 -7.66
CA HIS C 40 -8.81 -2.04 -6.28
C HIS C 40 -9.15 -0.58 -5.98
N VAL C 41 -10.37 -0.33 -5.52
CA VAL C 41 -10.82 1.02 -5.21
C VAL C 41 -11.22 1.10 -3.75
N VAL C 42 -10.65 2.07 -3.03
CA VAL C 42 -10.95 2.23 -1.61
C VAL C 42 -11.49 3.61 -1.30
N PRO C 43 -12.82 3.75 -1.21
CA PRO C 43 -13.45 5.04 -0.92
C PRO C 43 -13.58 5.33 0.56
N ASP C 44 -14.20 6.47 0.88
CA ASP C 44 -14.44 6.91 2.25
C ASP C 44 -13.22 7.01 3.15
N GLN C 45 -12.05 7.24 2.55
CA GLN C 45 -10.84 7.34 3.35
C GLN C 45 -10.62 8.66 4.04
N LEU C 46 -9.88 8.60 5.15
CA LEU C 46 -9.52 9.77 5.93
C LEU C 46 -8.19 10.24 5.35
N MET C 47 -8.24 11.23 4.48
CA MET C 47 -7.02 11.73 3.89
C MET C 47 -7.08 13.20 3.57
N ALA C 48 -5.91 13.77 3.33
CA ALA C 48 -5.80 15.18 2.99
C ALA C 48 -4.70 15.32 1.95
N PHE C 49 -4.81 16.35 1.13
CA PHE C 49 -3.84 16.62 0.09
C PHE C 49 -3.58 18.13 0.20
N GLY C 50 -2.35 18.51 0.52
CA GLY C 50 -2.05 19.92 0.68
C GLY C 50 -2.73 20.50 1.90
N GLY C 51 -3.07 19.63 2.85
CA GLY C 51 -3.73 20.07 4.07
C GLY C 51 -5.24 20.20 3.93
N SER C 52 -5.73 20.00 2.71
CA SER C 52 -7.15 20.10 2.40
C SER C 52 -7.85 18.75 2.28
N SER C 53 -9.09 18.71 2.75
CA SER C 53 -9.91 17.50 2.70
C SER C 53 -10.83 17.47 1.48
N GLU C 54 -10.60 18.36 0.52
CA GLU C 54 -11.38 18.36 -0.71
C GLU C 54 -11.05 17.03 -1.38
N PRO C 55 -11.89 16.58 -2.34
CA PRO C 55 -11.63 15.31 -3.02
C PRO C 55 -10.20 15.14 -3.50
N CYS C 56 -9.60 14.00 -3.17
CA CYS C 56 -8.24 13.70 -3.60
C CYS C 56 -8.08 12.18 -3.75
N ALA C 57 -6.94 11.76 -4.26
CA ALA C 57 -6.69 10.34 -4.45
C ALA C 57 -5.21 10.01 -4.39
N LEU C 58 -4.89 8.89 -3.75
CA LEU C 58 -3.52 8.41 -3.67
C LEU C 58 -3.62 7.04 -4.33
N CYS C 59 -2.87 6.85 -5.41
CA CYS C 59 -2.93 5.61 -6.19
C CYS C 59 -1.57 4.97 -6.43
N SER C 60 -1.61 3.74 -6.93
CA SER C 60 -0.40 3.03 -7.28
C SER C 60 -0.69 2.15 -8.50
N LEU C 61 0.32 2.01 -9.36
CA LEU C 61 0.21 1.13 -10.52
C LEU C 61 1.50 0.32 -10.54
N HIS C 62 1.38 -0.99 -10.32
CA HIS C 62 2.52 -1.89 -10.35
C HIS C 62 2.42 -2.67 -11.66
N SER C 63 3.56 -2.89 -12.31
CA SER C 63 3.57 -3.64 -13.55
C SER C 63 4.95 -4.21 -13.79
N ILE C 64 5.01 -5.36 -14.47
CA ILE C 64 6.29 -5.97 -14.80
C ILE C 64 6.64 -5.35 -16.14
N GLY C 65 7.47 -4.32 -16.11
CA GLY C 65 7.84 -3.63 -17.34
C GLY C 65 6.69 -2.71 -17.72
N LYS C 66 6.80 -2.04 -18.85
CA LYS C 66 5.76 -1.11 -19.30
C LYS C 66 5.69 0.10 -18.37
N ILE C 67 6.81 0.40 -17.72
CA ILE C 67 6.90 1.54 -16.82
C ILE C 67 8.05 2.41 -17.32
N GLY C 68 7.77 3.69 -17.55
CA GLY C 68 8.81 4.57 -18.04
C GLY C 68 8.35 6.01 -18.13
N GLY C 69 9.28 6.91 -18.42
CA GLY C 69 8.96 8.32 -18.53
C GLY C 69 7.72 8.63 -19.34
N ALA C 70 7.77 8.32 -20.64
CA ALA C 70 6.65 8.59 -21.53
C ALA C 70 5.42 7.77 -21.20
N GLN C 71 5.61 6.49 -20.91
CA GLN C 71 4.48 5.63 -20.58
C GLN C 71 3.77 6.10 -19.32
N ASN C 72 4.53 6.51 -18.31
CA ASN C 72 3.92 6.98 -17.06
C ASN C 72 3.12 8.25 -17.27
N ARG C 73 3.61 9.13 -18.13
CA ARG C 73 2.88 10.37 -18.40
C ARG C 73 1.55 10.00 -19.04
N SER C 74 1.58 9.04 -19.96
CA SER C 74 0.37 8.60 -20.63
C SER C 74 -0.61 7.96 -19.65
N TYR C 75 -0.10 7.13 -18.74
CA TYR C 75 -0.96 6.49 -17.75
C TYR C 75 -1.58 7.57 -16.86
N SER C 76 -0.80 8.57 -16.48
CA SER C 76 -1.30 9.63 -15.61
C SER C 76 -2.42 10.43 -16.28
N LYS C 77 -2.26 10.71 -17.57
CA LYS C 77 -3.27 11.45 -18.33
C LYS C 77 -4.55 10.63 -18.33
N LEU C 78 -4.39 9.34 -18.62
CA LEU C 78 -5.52 8.42 -18.65
C LEU C 78 -6.23 8.29 -17.30
N LEU C 79 -5.45 7.96 -16.26
CA LEU C 79 -6.01 7.75 -14.95
C LEU C 79 -6.56 9.01 -14.28
N CYS C 80 -5.88 10.15 -14.45
CA CYS C 80 -6.41 11.38 -13.87
C CYS C 80 -7.70 11.73 -14.59
N GLY C 81 -7.75 11.46 -15.90
CA GLY C 81 -8.95 11.74 -16.65
C GLY C 81 -10.14 10.96 -16.11
N LEU C 82 -9.91 9.68 -15.83
CA LEU C 82 -10.97 8.84 -15.31
C LEU C 82 -11.40 9.27 -13.90
N LEU C 83 -10.43 9.64 -13.07
CA LEU C 83 -10.77 10.07 -11.72
C LEU C 83 -11.53 11.39 -11.75
N ALA C 84 -11.18 12.27 -12.68
CA ALA C 84 -11.86 13.55 -12.79
C ALA C 84 -13.30 13.36 -13.26
N GLU C 85 -13.44 12.60 -14.34
CA GLU C 85 -14.75 12.33 -14.93
C GLU C 85 -15.66 11.47 -14.07
N ARG C 86 -15.16 10.35 -13.58
CA ARG C 86 -15.98 9.45 -12.77
C ARG C 86 -16.12 9.80 -11.30
N LEU C 87 -15.04 10.26 -10.66
CA LEU C 87 -15.11 10.60 -9.25
C LEU C 87 -15.08 12.09 -8.93
N ARG C 88 -14.97 12.92 -9.95
CA ARG C 88 -14.94 14.36 -9.79
C ARG C 88 -13.77 14.85 -8.93
N ILE C 89 -12.61 14.24 -9.13
CA ILE C 89 -11.41 14.62 -8.38
C ILE C 89 -10.52 15.40 -9.32
N SER C 90 -10.01 16.54 -8.86
CA SER C 90 -9.13 17.37 -9.68
C SER C 90 -7.80 16.67 -9.90
N PRO C 91 -7.30 16.65 -11.16
CA PRO C 91 -6.03 15.99 -11.47
C PRO C 91 -4.88 16.49 -10.58
N ASP C 92 -4.95 17.75 -10.15
CA ASP C 92 -3.88 18.27 -9.32
C ASP C 92 -4.01 17.87 -7.84
N ARG C 93 -4.95 16.98 -7.53
CA ARG C 93 -5.11 16.46 -6.17
C ARG C 93 -5.02 14.94 -6.22
N VAL C 94 -4.25 14.47 -7.20
CA VAL C 94 -4.02 13.05 -7.40
C VAL C 94 -2.54 12.73 -7.50
N TYR C 95 -2.11 11.70 -6.76
CA TYR C 95 -0.74 11.21 -6.82
C TYR C 95 -0.84 9.76 -7.26
N ILE C 96 0.03 9.34 -8.17
CA ILE C 96 0.05 7.96 -8.63
C ILE C 96 1.51 7.48 -8.60
N ASN C 97 1.79 6.49 -7.75
CA ASN C 97 3.13 5.93 -7.65
C ASN C 97 3.23 4.79 -8.64
N TYR C 98 4.23 4.84 -9.50
CA TYR C 98 4.46 3.78 -10.49
C TYR C 98 5.60 2.88 -10.06
N TYR C 99 5.40 1.57 -10.18
CA TYR C 99 6.41 0.61 -9.79
C TYR C 99 6.69 -0.42 -10.89
N ASP C 100 7.94 -0.47 -11.34
CA ASP C 100 8.36 -1.43 -12.36
C ASP C 100 8.83 -2.63 -11.54
N MET C 101 7.98 -3.65 -11.45
CA MET C 101 8.30 -4.84 -10.68
C MET C 101 9.11 -5.87 -11.46
N ASN C 102 10.03 -6.54 -10.78
CA ASN C 102 10.85 -7.57 -11.41
C ASN C 102 9.98 -8.83 -11.32
N ALA C 103 9.87 -9.56 -12.42
CA ALA C 103 9.05 -10.76 -12.47
C ALA C 103 9.27 -11.71 -11.30
N ALA C 104 10.50 -11.78 -10.81
CA ALA C 104 10.84 -12.66 -9.70
C ALA C 104 10.24 -12.16 -8.39
N ASN C 105 9.81 -10.89 -8.36
CA ASN C 105 9.22 -10.31 -7.15
C ASN C 105 7.71 -10.18 -7.21
N VAL C 106 7.08 -10.95 -8.09
CA VAL C 106 5.63 -10.93 -8.19
C VAL C 106 5.14 -12.37 -8.08
N GLY C 107 4.39 -12.65 -7.03
CA GLY C 107 3.86 -13.99 -6.82
C GLY C 107 2.47 -14.13 -7.42
N TRP C 108 2.20 -15.32 -7.94
CA TRP C 108 0.90 -15.60 -8.55
C TRP C 108 0.78 -17.10 -8.81
N ASN C 109 -0.40 -17.64 -8.52
CA ASN C 109 -0.67 -19.06 -8.76
C ASN C 109 0.40 -20.00 -8.16
N ASN C 110 0.67 -19.83 -6.88
CA ASN C 110 1.65 -20.66 -6.15
C ASN C 110 3.10 -20.53 -6.57
N SER C 111 3.39 -19.59 -7.45
CA SER C 111 4.76 -19.38 -7.92
C SER C 111 4.98 -17.89 -8.20
N THR C 112 5.94 -17.57 -9.06
CA THR C 112 6.21 -16.18 -9.44
C THR C 112 6.27 -16.13 -10.96
N PHE C 113 6.39 -14.92 -11.51
CA PHE C 113 6.43 -14.75 -12.95
C PHE C 113 7.82 -14.96 -13.56
N ALA C 114 8.81 -15.24 -12.72
CA ALA C 114 10.16 -15.45 -13.22
C ALA C 114 10.26 -16.80 -13.93
S SO4 D . 17.10 -17.00 -3.91
O1 SO4 D . 15.78 -16.72 -3.29
O2 SO4 D . 17.86 -17.92 -3.03
O3 SO4 D . 16.90 -17.63 -5.23
O4 SO4 D . 17.84 -15.73 -4.08
S SO4 E . 19.57 -12.43 3.22
O1 SO4 E . 19.66 -13.76 3.84
O2 SO4 E . 20.89 -12.02 2.68
O3 SO4 E . 18.59 -12.45 2.11
O4 SO4 E . 19.14 -11.44 4.24
O1 OX5 F . 9.15 -3.31 4.89
C1 OX5 F . 9.57 -3.86 6.05
C2 OX5 F . 10.60 -4.84 6.03
C3 OX5 F . 11.04 -5.41 7.23
C4 OX5 F . 10.47 -5.00 8.47
C5 OX5 F . 9.45 -4.02 8.49
C6 OX5 F . 9.00 -3.45 7.28
C7 OX5 F . 10.92 -5.58 9.70
N8 OX5 F . 10.83 -6.82 9.83
O9 OX5 F . 11.26 -7.44 10.97
C1 GOL G . 26.51 0.16 10.64
O1 GOL G . 27.53 1.09 11.07
C2 GOL G . 25.72 -0.33 11.86
O2 GOL G . 24.57 0.49 12.04
C3 GOL G . 25.29 -1.78 11.62
O3 GOL G . 24.23 -2.11 12.54
C1 IPA H . 12.53 -6.48 19.09
C2 IPA H . 11.01 -6.50 19.23
C3 IPA H . 10.37 -6.52 17.85
O2 IPA H . 10.58 -5.34 19.95
S SO4 I . 21.14 11.13 4.60
O1 SO4 I . 19.70 11.08 4.93
O2 SO4 I . 21.93 10.29 5.54
O3 SO4 I . 21.37 10.64 3.23
O4 SO4 I . 21.60 12.53 4.71
S SO4 J . 17.72 15.33 -2.37
O1 SO4 J . 17.30 14.12 -1.63
O2 SO4 J . 18.77 14.97 -3.34
O3 SO4 J . 16.54 15.89 -3.07
O4 SO4 J . 18.22 16.34 -1.42
O1 OX5 K . 5.15 8.70 -3.72
C1 OX5 K . 5.20 10.02 -3.91
C2 OX5 K . 6.43 10.72 -3.73
C3 OX5 K . 6.48 12.11 -3.93
C4 OX5 K . 5.30 12.82 -4.29
C5 OX5 K . 4.08 12.12 -4.47
C6 OX5 K . 4.03 10.73 -4.28
C7 OX5 K . 5.36 14.23 -4.51
N8 OX5 K . 5.65 15.00 -3.56
O9 OX5 K . 5.73 16.35 -3.81
C10 OX5 K . 6.95 16.84 -4.21
C1 GOL L . 13.22 18.99 -15.74
O1 GOL L . 11.97 19.27 -15.10
C2 GOL L . 13.08 17.75 -16.63
O2 GOL L . 11.87 17.84 -17.40
C3 GOL L . 14.28 17.65 -17.56
O3 GOL L . 13.85 17.68 -18.93
S SO4 M . 9.16 5.15 -21.96
O1 SO4 M . 8.10 4.98 -20.95
O2 SO4 M . 10.31 4.28 -21.61
O3 SO4 M . 8.65 4.74 -23.29
O4 SO4 M . 9.60 6.56 -22.00
C1 GOL N . 1.61 -7.14 -9.97
O1 GOL N . 2.30 -6.30 -9.03
C2 GOL N . 1.93 -6.67 -11.39
O2 GOL N . 3.30 -6.27 -11.46
C3 GOL N . 1.66 -7.80 -12.38
O3 GOL N . 1.81 -7.29 -13.71
#